data_1XZO
#
_entry.id   1XZO
#
_cell.length_a   68.033
_cell.length_b   68.033
_cell.length_c   191.733
_cell.angle_alpha   90.00
_cell.angle_beta   90.00
_cell.angle_gamma   120.00
#
_symmetry.space_group_name_H-M   'P 32 2 1'
#
loop_
_entity.id
_entity.type
_entity.pdbx_description
1 polymer 'Hypothetical protein ypmQ'
2 non-polymer 'CADMIUM ION'
3 non-polymer 'CALCIUM ION'
4 water water
#
_entity_poly.entity_id   1
_entity_poly.type   'polypeptide(L)'
_entity_poly.pdbx_seq_one_letter_code
;GSQQIKDPLNYEVEPFTFQNQDGKNVSLESLKGEVWLADFIFTNCETICPPMTAHMTDLQKKLKAENIDVRIISFSVDPE
NDKPKQLKKFAANYPLSFDNWDFLTGYSQSEIEEFALKSFKAIVKKPEGEDQVIHQSSFYLVGPDGKVLKDYNGVENTPY
DDIISDVKSASTLK
;
_entity_poly.pdbx_strand_id   A,B
#
# COMPACT_ATOMS: atom_id res chain seq x y z
N GLN A 3 -26.59 7.18 -23.22
CA GLN A 3 -25.27 7.85 -23.41
C GLN A 3 -24.12 6.90 -23.08
N GLN A 4 -23.32 6.58 -24.11
CA GLN A 4 -22.18 5.69 -23.96
C GLN A 4 -20.89 6.50 -23.79
N ILE A 5 -20.04 6.07 -22.87
CA ILE A 5 -18.83 6.83 -22.63
C ILE A 5 -17.81 6.65 -23.79
N LYS A 6 -17.30 7.81 -24.29
CA LYS A 6 -16.48 7.98 -25.51
C LYS A 6 -15.32 7.02 -25.76
N ASP A 7 -14.09 7.54 -25.89
CA ASP A 7 -12.94 6.69 -26.16
C ASP A 7 -12.28 6.48 -24.78
N PRO A 8 -12.78 5.52 -24.00
CA PRO A 8 -12.30 5.35 -22.62
C PRO A 8 -10.85 4.91 -22.55
N LEU A 9 -10.15 5.47 -21.57
CA LEU A 9 -8.71 5.37 -21.44
C LEU A 9 -8.35 3.94 -21.11
N ASN A 10 -9.23 3.34 -20.34
CA ASN A 10 -9.14 1.97 -19.88
C ASN A 10 -7.87 1.65 -19.12
N TYR A 11 -7.30 2.58 -18.35
CA TYR A 11 -6.13 2.21 -17.53
C TYR A 11 -6.55 1.45 -16.31
N GLU A 12 -5.70 0.55 -15.87
CA GLU A 12 -6.06 -0.32 -14.73
C GLU A 12 -5.47 0.27 -13.47
N VAL A 13 -6.33 0.63 -12.53
CA VAL A 13 -5.84 1.17 -11.26
C VAL A 13 -5.19 0.02 -10.46
N GLU A 14 -4.03 0.27 -9.98
CA GLU A 14 -3.33 -0.78 -9.18
C GLU A 14 -4.04 -0.96 -7.84
N PRO A 15 -3.98 -2.18 -7.29
CA PRO A 15 -4.42 -2.41 -5.89
C PRO A 15 -3.70 -1.49 -4.94
N PHE A 16 -4.46 -0.96 -3.97
CA PHE A 16 -3.94 -0.11 -2.95
C PHE A 16 -4.84 -0.13 -1.73
N THR A 17 -4.17 0.13 -0.64
CA THR A 17 -4.79 0.44 0.69
C THR A 17 -4.04 1.51 1.34
N PHE A 18 -4.68 2.71 1.45
CA PHE A 18 -4.11 3.87 1.98
C PHE A 18 -5.01 4.23 3.22
N GLN A 19 -4.67 5.27 3.93
CA GLN A 19 -5.48 5.74 5.08
C GLN A 19 -6.08 7.10 4.79
N ASN A 20 -7.31 7.28 5.23
CA ASN A 20 -7.99 8.61 5.05
C ASN A 20 -7.69 9.57 6.20
N GLN A 21 -8.32 10.78 6.13
CA GLN A 21 -8.03 11.82 7.09
C GLN A 21 -8.46 11.40 8.53
N ASP A 22 -9.33 10.43 8.63
CA ASP A 22 -9.73 9.88 9.95
C ASP A 22 -8.91 8.64 10.35
N GLY A 23 -7.92 8.29 9.56
CA GLY A 23 -7.03 7.17 9.83
C GLY A 23 -7.62 5.84 9.42
N LYS A 24 -8.73 5.84 8.71
CA LYS A 24 -9.44 4.66 8.28
C LYS A 24 -8.84 4.10 6.95
N ASN A 25 -8.75 2.77 6.81
CA ASN A 25 -8.35 2.19 5.54
C ASN A 25 -9.37 2.43 4.39
N VAL A 26 -8.79 2.81 3.24
CA VAL A 26 -9.49 2.90 1.96
C VAL A 26 -8.69 2.18 0.87
N SER A 27 -9.34 1.28 0.22
CA SER A 27 -8.72 0.40 -0.77
C SER A 27 -9.42 0.49 -2.15
N LEU A 28 -8.68 0.11 -3.21
CA LEU A 28 -9.34 -0.15 -4.47
C LEU A 28 -10.48 -1.11 -4.37
N GLU A 29 -10.33 -2.20 -3.60
CA GLU A 29 -11.34 -3.17 -3.47
C GLU A 29 -12.60 -2.56 -2.85
N SER A 30 -12.41 -1.75 -1.85
CA SER A 30 -13.51 -1.09 -1.16
C SER A 30 -14.30 -0.23 -2.16
N LEU A 31 -13.67 0.19 -3.24
CA LEU A 31 -14.32 1.10 -4.24
C LEU A 31 -14.99 0.32 -5.36
N LYS A 32 -14.87 -1.00 -5.35
CA LYS A 32 -15.50 -1.89 -6.36
C LYS A 32 -17.02 -1.68 -6.41
N GLY A 33 -17.54 -1.48 -7.60
CA GLY A 33 -18.96 -1.20 -7.78
C GLY A 33 -19.34 0.30 -7.63
N GLU A 34 -18.39 1.16 -7.35
CA GLU A 34 -18.64 2.57 -7.26
C GLU A 34 -17.91 3.32 -8.36
N VAL A 35 -18.57 4.33 -8.94
CA VAL A 35 -17.87 5.29 -9.76
C VAL A 35 -17.15 6.28 -8.90
N TRP A 36 -15.94 6.61 -9.23
CA TRP A 36 -15.32 7.72 -8.52
C TRP A 36 -14.39 8.58 -9.30
N LEU A 37 -14.08 9.72 -8.69
CA LEU A 37 -13.26 10.78 -9.23
C LEU A 37 -12.01 10.87 -8.38
N ALA A 38 -10.88 11.12 -9.03
CA ALA A 38 -9.61 11.17 -8.32
C ALA A 38 -8.81 12.35 -8.68
N ASP A 39 -8.07 12.93 -7.74
CA ASP A 39 -7.07 13.89 -8.00
C ASP A 39 -5.90 13.76 -7.05
N PHE A 40 -4.90 14.58 -7.27
CA PHE A 40 -3.61 14.58 -6.61
C PHE A 40 -3.30 15.95 -6.00
N ILE A 41 -3.14 16.01 -4.69
CA ILE A 41 -2.95 17.31 -4.00
C ILE A 41 -1.84 17.30 -2.97
N PHE A 42 -1.42 18.49 -2.50
CA PHE A 42 -0.57 18.52 -1.30
C PHE A 42 -1.13 19.61 -0.41
N THR A 43 -0.83 19.56 0.88
CA THR A 43 -1.43 20.49 1.84
C THR A 43 -0.57 21.71 2.08
N ASN A 44 0.75 21.64 1.91
CA ASN A 44 1.61 22.71 2.37
C ASN A 44 1.86 23.68 1.26
N CYS A 45 1.08 24.74 1.26
CA CYS A 45 1.27 25.90 0.39
C CYS A 45 0.82 27.16 1.16
N GLU A 46 1.78 28.07 1.43
CA GLU A 46 1.49 29.47 1.85
C GLU A 46 1.22 30.22 0.55
N THR A 47 2.26 30.33 -0.28
CA THR A 47 2.14 31.05 -1.55
C THR A 47 1.20 30.27 -2.45
N ILE A 48 0.41 31.01 -3.23
CA ILE A 48 -0.66 30.47 -4.09
C ILE A 48 -0.83 28.94 -4.08
N CYS A 49 -1.97 28.54 -3.54
CA CYS A 49 -2.37 27.16 -3.54
C CYS A 49 -3.09 26.79 -4.87
N PRO A 50 -2.78 25.63 -5.43
CA PRO A 50 -3.49 25.22 -6.64
C PRO A 50 -4.99 25.20 -6.44
N PRO A 51 -5.71 25.44 -7.53
CA PRO A 51 -7.17 25.40 -7.56
C PRO A 51 -7.83 24.03 -7.53
N MET A 52 -7.12 22.89 -7.57
CA MET A 52 -7.85 21.65 -7.79
C MET A 52 -8.93 21.34 -6.75
N THR A 53 -8.67 21.60 -5.49
CA THR A 53 -9.58 21.21 -4.44
C THR A 53 -10.82 22.10 -4.44
N ALA A 54 -10.59 23.36 -4.77
CA ALA A 54 -11.72 24.29 -5.03
C ALA A 54 -12.66 23.84 -6.14
N HIS A 55 -12.13 23.46 -7.31
CA HIS A 55 -12.92 22.88 -8.39
C HIS A 55 -13.72 21.59 -8.05
N MET A 56 -12.90 20.75 -7.22
CA MET A 56 -13.48 19.49 -6.85
C MET A 56 -14.58 19.75 -5.88
N THR A 57 -14.44 20.80 -5.09
CA THR A 57 -15.48 21.17 -4.10
C THR A 57 -16.80 21.57 -4.85
N ASP A 58 -16.61 22.33 -5.93
CA ASP A 58 -17.77 22.83 -6.67
C ASP A 58 -18.30 21.58 -7.43
N LEU A 59 -17.45 20.65 -7.90
CA LEU A 59 -17.97 19.41 -8.49
C LEU A 59 -18.81 18.53 -7.56
N GLN A 60 -18.32 18.39 -6.35
CA GLN A 60 -18.96 17.65 -5.28
C GLN A 60 -20.41 18.22 -5.10
N LYS A 61 -20.50 19.53 -5.03
CA LYS A 61 -21.78 20.25 -4.88
C LYS A 61 -22.75 20.01 -6.01
N LYS A 62 -22.24 20.05 -7.23
CA LYS A 62 -23.05 19.85 -8.41
C LYS A 62 -23.56 18.41 -8.44
N LEU A 63 -22.69 17.44 -8.12
CA LEU A 63 -23.12 16.03 -8.08
C LEU A 63 -24.13 15.77 -6.95
N LYS A 64 -23.96 16.43 -5.81
CA LYS A 64 -24.91 16.31 -4.71
C LYS A 64 -26.31 16.84 -5.16
N ALA A 65 -26.30 17.91 -5.95
CA ALA A 65 -27.55 18.57 -6.42
C ALA A 65 -28.34 17.79 -7.42
N GLU A 66 -27.67 16.95 -8.21
CA GLU A 66 -28.36 16.03 -9.07
C GLU A 66 -28.55 14.65 -8.42
N ASN A 67 -28.21 14.52 -7.15
CA ASN A 67 -28.43 13.30 -6.41
C ASN A 67 -27.65 12.15 -7.07
N ILE A 68 -26.37 12.37 -7.40
CA ILE A 68 -25.56 11.36 -8.10
C ILE A 68 -24.63 10.68 -7.10
N ASP A 69 -24.73 9.34 -7.12
CA ASP A 69 -23.91 8.37 -6.36
C ASP A 69 -22.53 8.33 -6.96
N VAL A 70 -21.59 8.95 -6.25
CA VAL A 70 -20.22 8.98 -6.67
C VAL A 70 -19.32 9.12 -5.44
N ARG A 71 -18.07 8.66 -5.52
CA ARG A 71 -17.11 8.93 -4.48
C ARG A 71 -15.99 9.74 -5.07
N ILE A 72 -15.31 10.43 -4.21
CA ILE A 72 -14.21 11.35 -4.54
C ILE A 72 -13.01 10.96 -3.71
N ILE A 73 -11.88 10.86 -4.38
CA ILE A 73 -10.61 10.49 -3.70
C ILE A 73 -9.58 11.50 -4.04
N SER A 74 -8.97 12.10 -3.04
CA SER A 74 -7.83 12.94 -3.19
C SER A 74 -6.57 12.25 -2.64
N PHE A 75 -5.66 11.95 -3.52
CA PHE A 75 -4.34 11.40 -3.02
C PHE A 75 -3.33 12.47 -2.72
N SER A 76 -2.73 12.41 -1.56
CA SER A 76 -1.63 13.28 -1.19
C SER A 76 -0.38 12.95 -2.00
N VAL A 77 0.33 13.97 -2.50
CA VAL A 77 1.59 13.79 -3.21
C VAL A 77 2.76 14.29 -2.34
N ASP A 78 2.52 14.63 -1.06
CA ASP A 78 3.58 14.89 -0.16
C ASP A 78 3.30 14.20 1.17
N PRO A 79 3.24 12.85 1.13
CA PRO A 79 2.83 12.06 2.31
C PRO A 79 3.67 12.17 3.53
N GLU A 80 4.89 12.64 3.45
CA GLU A 80 5.73 12.86 4.59
C GLU A 80 5.22 14.01 5.48
N ASN A 81 4.71 15.08 4.84
CA ASN A 81 4.10 16.20 5.54
C ASN A 81 2.60 16.00 5.79
N ASP A 82 1.90 15.45 4.80
CA ASP A 82 0.49 15.25 4.87
C ASP A 82 -0.04 14.03 5.65
N LYS A 83 -0.01 14.10 6.96
CA LYS A 83 -0.61 13.11 7.84
C LYS A 83 -2.11 13.41 7.98
N PRO A 84 -2.86 12.47 8.50
CA PRO A 84 -4.33 12.55 8.57
C PRO A 84 -4.83 13.89 9.19
N LYS A 85 -4.12 14.37 10.18
CA LYS A 85 -4.41 15.68 10.83
C LYS A 85 -4.17 16.90 9.89
N GLN A 86 -3.06 16.88 9.18
CA GLN A 86 -2.83 17.89 8.15
C GLN A 86 -3.90 17.79 7.09
N LEU A 87 -4.33 16.57 6.68
CA LEU A 87 -5.37 16.44 5.70
C LEU A 87 -6.67 17.13 6.20
N LYS A 88 -6.98 16.95 7.49
CA LYS A 88 -8.17 17.61 8.03
C LYS A 88 -8.07 19.09 8.00
N LYS A 89 -6.93 19.61 8.33
CA LYS A 89 -6.76 21.00 8.48
C LYS A 89 -6.81 21.66 7.09
N PHE A 90 -6.37 20.94 6.05
CA PHE A 90 -6.40 21.46 4.67
C PHE A 90 -7.83 21.52 4.21
N ALA A 91 -8.55 20.45 4.41
CA ALA A 91 -9.87 20.33 4.00
C ALA A 91 -10.75 21.40 4.64
N ALA A 92 -10.30 21.86 5.81
CA ALA A 92 -11.05 22.85 6.60
C ALA A 92 -11.11 24.22 5.84
N ASN A 93 -10.30 24.42 4.80
CA ASN A 93 -10.27 25.69 4.06
C ASN A 93 -11.36 25.80 3.04
N TYR A 94 -12.11 24.71 2.88
CA TYR A 94 -13.15 24.47 1.89
C TYR A 94 -14.51 24.08 2.41
N PRO A 95 -15.63 24.53 1.76
CA PRO A 95 -16.98 24.04 2.08
C PRO A 95 -17.38 22.70 1.60
N LEU A 96 -16.47 21.74 1.75
CA LEU A 96 -16.67 20.38 1.27
C LEU A 96 -17.17 19.45 2.36
N SER A 97 -17.81 18.36 1.91
CA SER A 97 -18.31 17.27 2.79
C SER A 97 -17.34 16.04 2.75
N PHE A 98 -17.04 15.44 3.90
CA PHE A 98 -16.35 14.12 3.88
C PHE A 98 -17.31 12.98 3.63
N ASP A 99 -18.61 13.25 3.51
CA ASP A 99 -19.54 12.18 3.26
C ASP A 99 -19.24 11.22 2.10
N ASN A 100 -18.72 11.73 0.97
CA ASN A 100 -18.34 10.87 -0.17
C ASN A 100 -17.00 11.32 -0.72
N TRP A 101 -16.18 11.86 0.14
CA TRP A 101 -14.83 12.28 -0.21
C TRP A 101 -13.85 11.84 0.86
N ASP A 102 -12.81 11.11 0.42
CA ASP A 102 -11.64 10.82 1.27
C ASP A 102 -10.35 11.41 0.78
N PHE A 103 -9.59 11.99 1.69
CA PHE A 103 -8.28 12.44 1.46
C PHE A 103 -7.34 11.40 2.00
N LEU A 104 -6.42 10.95 1.16
CA LEU A 104 -5.59 9.71 1.50
C LEU A 104 -4.13 10.02 1.72
N THR A 105 -3.49 9.26 2.64
CA THR A 105 -2.05 9.30 2.92
C THR A 105 -1.76 7.86 3.41
N GLY A 106 -0.61 7.74 4.04
CA GLY A 106 -0.15 6.48 4.61
C GLY A 106 0.63 5.64 3.63
N TYR A 107 1.68 6.28 3.17
CA TYR A 107 2.55 5.78 2.11
C TYR A 107 3.75 6.66 1.97
N SER A 108 4.82 6.10 1.38
CA SER A 108 6.01 6.85 1.09
C SER A 108 5.87 7.57 -0.22
N GLN A 109 6.74 8.52 -0.47
CA GLN A 109 6.84 9.25 -1.74
C GLN A 109 7.05 8.29 -2.94
N SER A 110 7.93 7.33 -2.77
CA SER A 110 8.11 6.32 -3.79
C SER A 110 6.90 5.58 -4.14
N GLU A 111 6.08 5.18 -3.14
CA GLU A 111 4.91 4.37 -3.39
C GLU A 111 3.95 5.16 -4.23
N ILE A 112 3.65 6.36 -3.76
CA ILE A 112 2.62 7.12 -4.50
C ILE A 112 3.05 7.51 -5.94
N GLU A 113 4.33 7.82 -6.12
CA GLU A 113 4.85 8.15 -7.45
C GLU A 113 4.59 7.00 -8.40
N GLU A 114 4.96 5.77 -7.99
CA GLU A 114 4.75 4.64 -8.81
C GLU A 114 3.31 4.26 -9.02
N PHE A 115 2.45 4.46 -8.00
CA PHE A 115 1.04 4.16 -8.11
C PHE A 115 0.43 5.11 -9.14
N ALA A 116 0.81 6.37 -9.02
CA ALA A 116 0.27 7.39 -9.90
C ALA A 116 0.71 7.14 -11.37
N LEU A 117 1.97 6.77 -11.59
CA LEU A 117 2.46 6.51 -12.99
C LEU A 117 1.76 5.33 -13.60
N LYS A 118 1.66 4.22 -12.86
CA LYS A 118 0.96 3.03 -13.39
C LYS A 118 -0.53 3.12 -13.62
N SER A 119 -1.22 3.66 -12.62
CA SER A 119 -2.66 3.71 -12.61
C SER A 119 -3.22 4.80 -13.54
N PHE A 120 -2.59 5.94 -13.53
CA PHE A 120 -3.21 7.19 -14.16
C PHE A 120 -2.33 7.81 -15.21
N LYS A 121 -1.15 7.25 -15.39
CA LYS A 121 -0.12 7.73 -16.30
C LYS A 121 0.27 9.16 -15.96
N ALA A 122 0.28 9.47 -14.67
CA ALA A 122 0.54 10.80 -14.10
C ALA A 122 1.89 10.80 -13.47
N ILE A 123 2.61 11.89 -13.68
CA ILE A 123 3.86 12.19 -13.07
C ILE A 123 3.56 13.11 -11.92
N VAL A 124 3.58 12.57 -10.71
CA VAL A 124 3.49 13.40 -9.52
C VAL A 124 4.82 13.60 -8.82
N LYS A 125 4.91 14.70 -8.13
CA LYS A 125 6.11 14.99 -7.43
C LYS A 125 5.82 15.79 -6.15
N LYS A 126 6.77 15.82 -5.24
CA LYS A 126 6.72 16.62 -4.02
C LYS A 126 6.67 18.08 -4.43
N PRO A 127 6.06 18.94 -3.62
CA PRO A 127 6.24 20.40 -3.81
C PRO A 127 7.64 20.90 -3.46
N GLU A 128 8.06 22.04 -4.02
CA GLU A 128 9.30 22.71 -3.56
C GLU A 128 8.97 23.73 -2.44
N GLY A 129 8.11 23.30 -1.52
CA GLY A 129 7.50 24.18 -0.54
C GLY A 129 6.35 25.00 -1.13
N GLU A 130 6.34 25.17 -2.47
CA GLU A 130 5.29 25.92 -3.19
C GLU A 130 4.87 25.22 -4.50
N ASP A 131 3.84 25.78 -5.14
CA ASP A 131 3.50 25.53 -6.55
C ASP A 131 2.09 26.02 -6.93
N GLN A 132 2.03 27.22 -7.53
CA GLN A 132 0.92 27.63 -8.41
C GLN A 132 0.14 26.41 -8.99
N VAL A 133 0.51 25.96 -10.21
CA VAL A 133 0.51 24.54 -10.59
C VAL A 133 1.72 24.30 -11.48
N ILE A 134 2.46 23.22 -11.24
CA ILE A 134 3.52 22.81 -12.19
C ILE A 134 3.02 21.69 -13.12
N HIS A 135 2.73 22.14 -14.35
CA HIS A 135 2.23 21.37 -15.47
C HIS A 135 0.70 21.29 -15.37
N GLN A 136 0.13 20.39 -16.15
CA GLN A 136 -1.22 20.00 -15.90
C GLN A 136 -1.40 19.50 -14.44
N SER A 137 -2.65 19.35 -14.06
CA SER A 137 -3.10 18.40 -13.07
C SER A 137 -4.49 18.10 -13.49
N SER A 138 -4.80 16.83 -13.49
CA SER A 138 -5.97 16.33 -14.00
C SER A 138 -6.85 15.70 -12.94
N PHE A 139 -8.11 15.62 -13.27
CA PHE A 139 -9.16 14.86 -12.58
C PHE A 139 -9.37 13.58 -13.36
N TYR A 140 -9.49 12.43 -12.66
CA TYR A 140 -9.74 11.21 -13.33
C TYR A 140 -11.05 10.55 -12.91
N LEU A 141 -11.73 10.03 -13.87
CA LEU A 141 -12.90 9.26 -13.65
C LEU A 141 -12.55 7.77 -13.74
N VAL A 142 -12.87 7.09 -12.64
CA VAL A 142 -12.69 5.64 -12.52
C VAL A 142 -14.04 4.93 -12.42
N GLY A 143 -14.22 3.93 -13.24
CA GLY A 143 -15.37 3.09 -13.23
C GLY A 143 -15.45 2.02 -12.12
N PRO A 144 -16.59 1.31 -12.06
CA PRO A 144 -16.95 0.42 -10.93
C PRO A 144 -16.08 -0.85 -10.84
N ASP A 145 -15.34 -1.13 -11.87
CA ASP A 145 -14.44 -2.25 -11.92
C ASP A 145 -12.98 -1.80 -11.96
N GLY A 146 -12.74 -0.57 -11.52
CA GLY A 146 -11.41 -0.10 -11.35
C GLY A 146 -10.61 0.27 -12.55
N LYS A 147 -11.27 0.62 -13.64
CA LYS A 147 -10.54 1.15 -14.80
C LYS A 147 -10.68 2.68 -14.92
N VAL A 148 -9.60 3.34 -15.25
CA VAL A 148 -9.65 4.82 -15.53
C VAL A 148 -10.33 5.00 -16.91
N LEU A 149 -11.39 5.79 -16.95
CA LEU A 149 -12.17 5.95 -18.18
C LEU A 149 -11.92 7.29 -18.89
N LYS A 150 -11.63 8.34 -18.13
CA LYS A 150 -11.45 9.69 -18.62
C LYS A 150 -10.60 10.52 -17.71
N ASP A 151 -9.95 11.54 -18.29
CA ASP A 151 -9.25 12.57 -17.59
C ASP A 151 -9.76 13.95 -18.05
N TYR A 152 -9.60 14.90 -17.13
CA TYR A 152 -10.07 16.25 -17.36
C TYR A 152 -9.16 17.21 -16.71
N ASN A 153 -9.22 18.48 -17.18
CA ASN A 153 -8.36 19.49 -16.64
C ASN A 153 -8.93 19.94 -15.28
N GLY A 154 -8.17 19.73 -14.19
CA GLY A 154 -8.53 20.21 -12.86
C GLY A 154 -7.94 21.57 -12.47
N VAL A 155 -7.26 22.23 -13.39
CA VAL A 155 -6.46 23.38 -13.05
C VAL A 155 -7.26 24.63 -13.59
N GLU A 156 -7.84 24.47 -14.77
CA GLU A 156 -8.57 25.55 -15.49
C GLU A 156 -9.56 25.01 -16.42
N ASN A 157 -10.70 25.74 -16.51
CA ASN A 157 -11.80 25.31 -17.38
C ASN A 157 -12.28 23.91 -17.25
N THR A 158 -12.35 23.42 -15.99
CA THR A 158 -12.92 22.11 -15.76
C THR A 158 -14.30 21.96 -16.36
N PRO A 159 -14.53 20.94 -17.23
CA PRO A 159 -15.80 20.69 -17.89
C PRO A 159 -16.76 20.01 -16.98
N TYR A 160 -17.28 20.76 -16.04
CA TYR A 160 -18.07 20.22 -14.93
C TYR A 160 -19.23 19.45 -15.51
N ASP A 161 -19.94 20.03 -16.51
CA ASP A 161 -21.09 19.32 -17.07
C ASP A 161 -20.76 18.03 -17.82
N ASP A 162 -19.64 18.02 -18.51
CA ASP A 162 -19.18 16.78 -19.14
C ASP A 162 -18.84 15.69 -18.07
N ILE A 163 -18.13 16.12 -17.06
CA ILE A 163 -17.71 15.18 -15.92
C ILE A 163 -19.00 14.63 -15.33
N ILE A 164 -20.01 15.47 -15.01
CA ILE A 164 -21.23 14.94 -14.47
C ILE A 164 -21.95 13.95 -15.40
N SER A 165 -21.94 14.24 -16.71
CA SER A 165 -22.62 13.40 -17.64
C SER A 165 -21.89 12.01 -17.74
N ASP A 166 -20.58 12.05 -17.69
CA ASP A 166 -19.69 10.84 -17.71
C ASP A 166 -19.82 10.01 -16.45
N VAL A 167 -19.98 10.66 -15.32
CA VAL A 167 -20.26 9.91 -14.06
C VAL A 167 -21.58 9.12 -14.23
N LYS A 168 -22.65 9.79 -14.67
CA LYS A 168 -23.91 9.08 -14.91
C LYS A 168 -23.76 7.91 -15.89
N SER A 169 -23.11 8.12 -17.01
CA SER A 169 -22.92 7.05 -17.97
C SER A 169 -22.02 5.87 -17.45
N ALA A 170 -20.99 6.20 -16.69
CA ALA A 170 -20.11 5.19 -16.11
C ALA A 170 -20.88 4.30 -15.09
N SER A 171 -21.94 4.84 -14.49
CA SER A 171 -22.78 4.10 -13.56
C SER A 171 -23.67 3.08 -14.27
N THR A 172 -23.79 3.14 -15.58
CA THR A 172 -24.85 2.37 -16.22
C THR A 172 -24.59 0.87 -16.24
N LEU A 173 -25.74 0.19 -16.23
CA LEU A 173 -25.92 -1.25 -16.05
C LEU A 173 -25.33 -1.75 -14.75
N LYS A 174 -25.76 -1.15 -13.65
CA LYS A 174 -25.47 -1.66 -12.30
C LYS A 174 -26.14 -0.81 -11.19
N GLN B 3 33.60 -9.39 -1.59
CA GLN B 3 32.33 -10.17 -1.60
C GLN B 3 32.32 -11.30 -0.53
N GLN B 4 33.51 -11.88 -0.27
CA GLN B 4 33.69 -13.03 0.64
C GLN B 4 33.50 -14.37 -0.11
N ILE B 5 32.24 -14.63 -0.54
CA ILE B 5 31.89 -15.68 -1.53
C ILE B 5 30.37 -16.02 -1.45
N LYS B 6 29.53 -15.02 -1.78
CA LYS B 6 28.06 -15.14 -1.72
C LYS B 6 27.39 -14.43 -2.87
N ASP B 7 26.64 -15.18 -3.67
CA ASP B 7 26.01 -14.70 -4.90
C ASP B 7 24.58 -14.18 -4.63
N PRO B 8 24.44 -12.89 -4.38
CA PRO B 8 23.19 -12.36 -3.84
C PRO B 8 22.07 -12.29 -4.87
N LEU B 9 20.83 -12.55 -4.46
CA LEU B 9 19.67 -12.59 -5.37
C LEU B 9 19.41 -11.23 -6.06
N ASN B 10 19.63 -10.16 -5.30
CA ASN B 10 19.35 -8.79 -5.72
C ASN B 10 17.96 -8.43 -6.29
N TYR B 11 16.91 -9.05 -5.77
CA TYR B 11 15.55 -8.61 -6.05
C TYR B 11 15.34 -7.29 -5.34
N GLU B 12 14.64 -6.34 -5.97
CA GLU B 12 14.37 -5.07 -5.29
C GLU B 12 12.97 -5.16 -4.68
N VAL B 13 12.87 -5.00 -3.37
CA VAL B 13 11.59 -4.99 -2.72
C VAL B 13 10.75 -3.73 -3.16
N GLU B 14 9.52 -3.95 -3.50
CA GLU B 14 8.60 -2.83 -3.88
C GLU B 14 8.29 -1.97 -2.65
N PRO B 15 8.07 -0.65 -2.87
CA PRO B 15 7.57 0.20 -1.78
C PRO B 15 6.27 -0.35 -1.25
N PHE B 16 6.07 -0.24 0.05
CA PHE B 16 4.91 -0.76 0.74
C PHE B 16 4.80 -0.06 2.09
N THR B 17 3.57 0.11 2.47
CA THR B 17 3.14 0.50 3.84
C THR B 17 2.03 -0.29 4.20
N PHE B 18 2.22 -1.25 5.15
CA PHE B 18 1.15 -2.10 5.60
C PHE B 18 1.02 -1.75 7.11
N GLN B 19 0.15 -2.48 7.77
CA GLN B 19 -0.10 -2.36 9.22
C GLN B 19 0.33 -3.61 9.98
N ASN B 20 0.89 -3.38 11.15
CA ASN B 20 1.24 -4.54 12.08
C ASN B 20 0.10 -4.95 13.02
N GLN B 21 0.38 -5.92 13.88
CA GLN B 21 -0.63 -6.50 14.73
C GLN B 21 -1.26 -5.47 15.73
N ASP B 22 -0.58 -4.38 15.97
CA ASP B 22 -1.09 -3.27 16.85
C ASP B 22 -1.72 -2.17 16.08
N GLY B 23 -1.79 -2.32 14.78
CA GLY B 23 -2.36 -1.29 13.91
C GLY B 23 -1.43 -0.20 13.46
N LYS B 24 -0.14 -0.31 13.70
CA LYS B 24 0.81 0.70 13.34
C LYS B 24 1.36 0.51 11.93
N ASN B 25 1.60 1.63 11.24
CA ASN B 25 2.27 1.56 9.93
C ASN B 25 3.68 0.99 9.97
N VAL B 26 4.02 0.13 9.00
CA VAL B 26 5.36 -0.39 8.80
C VAL B 26 5.62 -0.39 7.29
N SER B 27 6.67 0.27 6.92
CA SER B 27 7.02 0.51 5.52
C SER B 27 8.41 0.01 5.13
N LEU B 28 8.61 -0.18 3.84
CA LEU B 28 9.96 -0.32 3.35
C LEU B 28 10.89 0.77 3.72
N GLU B 29 10.47 2.08 3.61
CA GLU B 29 11.36 3.17 3.95
C GLU B 29 11.81 3.12 5.44
N SER B 30 10.89 2.70 6.30
CA SER B 30 11.12 2.59 7.77
C SER B 30 12.12 1.43 8.05
N LEU B 31 12.27 0.49 7.11
CA LEU B 31 13.30 -0.58 7.18
C LEU B 31 14.65 -0.25 6.57
N LYS B 32 14.74 0.93 5.93
CA LYS B 32 15.98 1.40 5.38
C LYS B 32 17.05 1.41 6.45
N GLY B 33 18.18 0.86 6.10
CA GLY B 33 19.28 0.73 7.01
C GLY B 33 19.24 -0.38 8.04
N GLU B 34 18.25 -1.23 8.01
CA GLU B 34 18.26 -2.43 8.88
C GLU B 34 18.24 -3.66 7.94
N VAL B 35 18.92 -4.71 8.37
CA VAL B 35 18.76 -6.00 7.75
C VAL B 35 17.55 -6.59 8.33
N TRP B 36 16.78 -7.31 7.53
CA TRP B 36 15.57 -8.03 7.92
C TRP B 36 15.29 -9.34 7.21
N LEU B 37 14.51 -10.16 7.88
CA LEU B 37 14.06 -11.43 7.42
C LEU B 37 12.60 -11.33 7.21
N ALA B 38 12.12 -12.02 6.17
CA ALA B 38 10.74 -12.05 5.74
C ALA B 38 10.16 -13.41 5.50
N ASP B 39 8.90 -13.62 5.84
CA ASP B 39 8.17 -14.86 5.43
C ASP B 39 6.73 -14.54 5.18
N PHE B 40 5.95 -15.53 4.75
CA PHE B 40 4.60 -15.44 4.31
C PHE B 40 3.82 -16.43 5.10
N ILE B 41 2.83 -15.96 5.85
CA ILE B 41 2.05 -16.79 6.76
C ILE B 41 0.55 -16.53 6.63
N PHE B 42 -0.27 -17.43 7.18
CA PHE B 42 -1.71 -17.21 7.34
C PHE B 42 -2.17 -17.78 8.64
N THR B 43 -3.16 -17.16 9.26
CA THR B 43 -3.49 -17.57 10.65
C THR B 43 -4.53 -18.69 10.76
N ASN B 44 -5.28 -18.97 9.72
CA ASN B 44 -6.40 -19.90 9.88
C ASN B 44 -6.05 -21.29 9.39
N CYS B 45 -5.75 -22.15 10.34
CA CYS B 45 -5.50 -23.53 10.03
C CYS B 45 -5.78 -24.45 11.20
N GLU B 46 -6.22 -25.65 10.87
CA GLU B 46 -6.79 -26.57 11.84
C GLU B 46 -6.24 -27.96 11.62
N THR B 47 -5.48 -28.42 12.62
CA THR B 47 -4.96 -29.78 12.73
C THR B 47 -3.54 -29.87 12.15
N ILE B 48 -3.38 -29.51 10.87
CA ILE B 48 -2.09 -29.48 10.22
C ILE B 48 -1.81 -28.06 9.81
N CYS B 49 -0.75 -27.47 10.36
CA CYS B 49 -0.41 -26.11 9.99
C CYS B 49 1.08 -25.86 9.90
N PRO B 50 1.47 -25.11 8.89
CA PRO B 50 2.87 -25.11 8.50
C PRO B 50 3.69 -24.59 9.66
N PRO B 51 4.94 -24.96 9.73
CA PRO B 51 5.75 -24.32 10.78
C PRO B 51 5.77 -22.87 10.40
N MET B 52 6.57 -22.63 9.41
CA MET B 52 7.36 -21.48 9.35
C MET B 52 7.45 -20.65 10.60
N THR B 53 6.38 -20.32 11.30
CA THR B 53 6.62 -19.34 12.35
C THR B 53 7.27 -19.94 13.60
N ALA B 54 7.04 -21.20 13.80
CA ALA B 54 7.91 -22.00 14.73
C ALA B 54 9.40 -21.96 14.45
N HIS B 55 9.84 -22.22 13.19
CA HIS B 55 11.19 -22.02 12.74
C HIS B 55 11.84 -20.61 13.00
N MET B 56 10.86 -19.69 12.56
CA MET B 56 11.20 -18.30 12.66
C MET B 56 11.36 -17.87 14.14
N THR B 57 10.55 -18.44 15.01
CA THR B 57 10.63 -18.22 16.50
C THR B 57 11.97 -18.73 17.01
N ASP B 58 12.41 -19.85 16.50
CA ASP B 58 13.75 -20.35 16.90
C ASP B 58 14.84 -19.46 16.39
N LEU B 59 14.70 -18.97 15.15
CA LEU B 59 15.69 -18.08 14.62
C LEU B 59 15.82 -16.76 15.38
N GLN B 60 14.69 -16.19 15.74
CA GLN B 60 14.65 -14.94 16.51
C GLN B 60 15.41 -15.15 17.85
N LYS B 61 15.14 -16.30 18.43
CA LYS B 61 15.84 -16.73 19.67
C LYS B 61 17.38 -16.81 19.52
N LYS B 62 17.89 -17.43 18.44
CA LYS B 62 19.32 -17.52 18.18
C LYS B 62 19.99 -16.22 17.85
N LEU B 63 19.25 -15.37 17.16
CA LEU B 63 19.79 -14.05 16.80
C LEU B 63 20.00 -13.14 18.02
N LYS B 64 19.07 -13.16 18.93
CA LYS B 64 19.13 -12.33 20.14
C LYS B 64 20.18 -12.91 21.10
N ALA B 65 20.27 -14.24 21.23
CA ALA B 65 21.44 -14.84 21.89
C ALA B 65 22.82 -14.35 21.36
N GLU B 66 22.94 -14.11 20.06
CA GLU B 66 24.14 -13.57 19.47
C GLU B 66 24.24 -12.02 19.54
N ASN B 67 23.26 -11.40 20.19
CA ASN B 67 23.09 -9.96 20.11
C ASN B 67 23.25 -9.39 18.69
N ILE B 68 22.50 -9.92 17.74
CA ILE B 68 22.56 -9.39 16.36
C ILE B 68 21.33 -8.50 16.11
N ASP B 69 21.59 -7.32 15.56
CA ASP B 69 20.61 -6.29 15.22
C ASP B 69 19.92 -6.70 13.89
N VAL B 70 18.63 -7.04 13.96
CA VAL B 70 17.85 -7.63 12.85
C VAL B 70 16.35 -7.46 13.08
N ARG B 71 15.55 -7.22 12.03
CA ARG B 71 14.13 -7.20 12.19
C ARG B 71 13.53 -8.35 11.46
N ILE B 72 12.38 -8.73 11.89
CA ILE B 72 11.65 -9.79 11.28
C ILE B 72 10.22 -9.36 10.85
N ILE B 73 9.89 -9.73 9.62
CA ILE B 73 8.62 -9.39 9.03
C ILE B 73 7.90 -10.62 8.51
N SER B 74 6.68 -10.80 8.98
CA SER B 74 5.79 -11.83 8.50
C SER B 74 4.62 -11.15 7.80
N PHE B 75 4.54 -11.43 6.53
CA PHE B 75 3.42 -11.01 5.72
C PHE B 75 2.25 -11.99 5.65
N SER B 76 1.05 -11.57 6.00
CA SER B 76 -0.14 -12.39 5.80
C SER B 76 -0.43 -12.60 4.35
N VAL B 77 -0.79 -13.81 3.99
CA VAL B 77 -1.34 -14.17 2.69
C VAL B 77 -2.79 -14.46 2.68
N ASP B 78 -3.49 -14.08 3.77
CA ASP B 78 -4.88 -14.20 3.83
C ASP B 78 -5.47 -12.98 4.57
N PRO B 79 -5.15 -11.77 4.05
CA PRO B 79 -5.52 -10.53 4.73
C PRO B 79 -6.99 -10.28 5.03
N GLU B 80 -7.95 -10.78 4.25
CA GLU B 80 -9.38 -10.72 4.56
C GLU B 80 -9.65 -11.24 5.98
N ASN B 81 -9.07 -12.42 6.30
CA ASN B 81 -9.20 -13.08 7.62
C ASN B 81 -8.26 -12.61 8.69
N ASP B 82 -7.03 -12.23 8.32
CA ASP B 82 -5.96 -11.95 9.24
C ASP B 82 -5.92 -10.47 9.55
N LYS B 83 -6.95 -9.97 10.26
CA LYS B 83 -6.86 -8.64 10.79
C LYS B 83 -5.94 -8.62 12.00
N PRO B 84 -5.54 -7.45 12.45
CA PRO B 84 -4.52 -7.31 13.50
C PRO B 84 -4.85 -8.10 14.75
N LYS B 85 -6.13 -8.18 15.14
CA LYS B 85 -6.43 -9.00 16.34
C LYS B 85 -6.11 -10.50 16.09
N GLN B 86 -6.41 -10.98 14.91
CA GLN B 86 -6.12 -12.37 14.51
C GLN B 86 -4.64 -12.60 14.48
N LEU B 87 -3.84 -11.57 14.09
CA LEU B 87 -2.40 -11.69 14.08
C LEU B 87 -1.89 -11.84 15.48
N LYS B 88 -2.40 -11.04 16.42
CA LYS B 88 -2.05 -11.25 17.81
C LYS B 88 -2.43 -12.62 18.36
N LYS B 89 -3.59 -13.10 18.09
CA LYS B 89 -4.03 -14.42 18.60
C LYS B 89 -3.24 -15.56 17.98
N PHE B 90 -2.85 -15.43 16.72
CA PHE B 90 -2.00 -16.52 16.12
C PHE B 90 -0.65 -16.46 16.75
N ALA B 91 -0.10 -15.25 16.87
CA ALA B 91 1.20 -15.06 17.47
C ALA B 91 1.30 -15.65 18.94
N ALA B 92 0.15 -15.67 19.58
CA ALA B 92 0.05 -16.06 20.99
C ALA B 92 0.40 -17.59 21.15
N ASN B 93 0.40 -18.33 20.06
CA ASN B 93 0.72 -19.74 20.04
C ASN B 93 2.16 -20.04 20.10
N TYR B 94 3.00 -19.01 20.10
CA TYR B 94 4.43 -19.14 20.04
C TYR B 94 5.09 -18.32 21.10
N PRO B 95 6.26 -18.77 21.60
CA PRO B 95 7.00 -17.97 22.58
C PRO B 95 7.88 -16.92 21.94
N LEU B 96 7.31 -16.13 21.02
CA LEU B 96 8.08 -15.12 20.33
C LEU B 96 7.91 -13.76 21.00
N SER B 97 8.75 -12.83 20.61
CA SER B 97 8.76 -11.44 21.06
C SER B 97 8.38 -10.50 19.87
N PHE B 98 7.48 -9.53 20.11
CA PHE B 98 7.21 -8.50 19.08
C PHE B 98 8.25 -7.36 19.07
N ASP B 99 9.30 -7.46 19.88
CA ASP B 99 10.34 -6.43 20.01
C ASP B 99 11.01 -6.02 18.70
N ASN B 100 11.33 -7.02 17.87
CA ASN B 100 11.94 -6.83 16.54
C ASN B 100 11.23 -7.72 15.49
N TRP B 101 9.97 -7.98 15.70
CA TRP B 101 9.10 -8.74 14.77
C TRP B 101 7.69 -8.11 14.63
N ASP B 102 7.35 -7.84 13.37
CA ASP B 102 6.03 -7.38 13.00
C ASP B 102 5.31 -8.37 12.09
N PHE B 103 4.05 -8.65 12.38
CA PHE B 103 3.13 -9.38 11.52
C PHE B 103 2.30 -8.34 10.81
N LEU B 104 2.14 -8.46 9.52
CA LEU B 104 1.56 -7.38 8.72
C LEU B 104 0.35 -7.81 7.98
N THR B 105 -0.57 -6.82 7.79
CA THR B 105 -1.79 -6.98 7.11
C THR B 105 -2.16 -5.53 6.59
N GLY B 106 -3.44 -5.31 6.31
CA GLY B 106 -3.93 -4.01 5.82
C GLY B 106 -3.71 -3.82 4.28
N TYR B 107 -4.18 -4.78 3.54
CA TYR B 107 -4.03 -4.84 2.09
C TYR B 107 -4.97 -5.86 1.59
N SER B 108 -5.32 -5.77 0.29
CA SER B 108 -6.15 -6.76 -0.31
C SER B 108 -5.26 -8.00 -0.71
N GLN B 109 -5.90 -9.05 -1.08
CA GLN B 109 -5.29 -10.29 -1.60
C GLN B 109 -4.56 -9.97 -2.90
N SER B 110 -5.19 -9.13 -3.71
CA SER B 110 -4.48 -8.71 -4.95
C SER B 110 -3.22 -7.94 -4.75
N GLU B 111 -3.18 -7.09 -3.74
CA GLU B 111 -2.02 -6.28 -3.50
C GLU B 111 -0.87 -7.20 -3.03
N ILE B 112 -1.20 -8.14 -2.16
CA ILE B 112 -0.05 -8.91 -1.62
C ILE B 112 0.46 -9.91 -2.62
N GLU B 113 -0.42 -10.45 -3.42
CA GLU B 113 -0.01 -11.40 -4.45
C GLU B 113 0.95 -10.76 -5.40
N GLU B 114 0.65 -9.54 -5.82
CA GLU B 114 1.56 -8.75 -6.67
C GLU B 114 2.82 -8.33 -6.05
N PHE B 115 2.71 -7.92 -4.77
CA PHE B 115 3.83 -7.48 -4.00
C PHE B 115 4.90 -8.65 -3.87
N ALA B 116 4.40 -9.83 -3.55
CA ALA B 116 5.24 -10.98 -3.27
C ALA B 116 5.84 -11.45 -4.61
N LEU B 117 5.07 -11.39 -5.70
CA LEU B 117 5.62 -11.77 -7.02
C LEU B 117 6.75 -10.86 -7.45
N LYS B 118 6.54 -9.54 -7.40
CA LYS B 118 7.62 -8.69 -7.75
C LYS B 118 8.84 -8.57 -6.84
N SER B 119 8.63 -8.51 -5.52
CA SER B 119 9.67 -8.30 -4.59
C SER B 119 10.49 -9.57 -4.24
N PHE B 120 9.81 -10.66 -4.14
CA PHE B 120 10.43 -11.96 -3.68
C PHE B 120 10.35 -13.08 -4.74
N LYS B 121 9.85 -12.81 -5.95
CA LYS B 121 9.56 -13.81 -6.96
C LYS B 121 8.90 -15.07 -6.39
N ALA B 122 7.85 -14.82 -5.60
CA ALA B 122 7.09 -15.81 -4.83
C ALA B 122 5.68 -15.83 -5.30
N ILE B 123 5.14 -17.02 -5.47
CA ILE B 123 3.74 -17.14 -5.84
C ILE B 123 3.04 -17.44 -4.51
N VAL B 124 2.18 -16.53 -4.07
CA VAL B 124 1.41 -16.74 -2.83
C VAL B 124 -0.04 -16.84 -3.14
N LYS B 125 -0.73 -17.59 -2.28
CA LYS B 125 -2.15 -17.73 -2.37
C LYS B 125 -2.77 -17.79 -1.00
N LYS B 126 -4.06 -17.58 -0.95
CA LYS B 126 -4.73 -17.78 0.32
C LYS B 126 -5.05 -19.26 0.47
N PRO B 127 -5.18 -19.73 1.70
CA PRO B 127 -5.53 -21.13 1.94
C PRO B 127 -6.94 -21.49 1.38
N GLU B 128 -7.80 -20.47 1.33
CA GLU B 128 -9.25 -20.63 1.35
C GLU B 128 -9.91 -20.66 -0.05
N GLY B 129 -9.11 -20.93 -1.08
CA GLY B 129 -9.59 -21.17 -2.44
C GLY B 129 -9.27 -22.57 -2.95
N ASP B 131 -6.77 -25.52 1.54
CA ASP B 131 -5.64 -26.02 2.33
C ASP B 131 -4.34 -25.33 1.87
N GLN B 132 -3.90 -25.63 0.64
CA GLN B 132 -2.74 -24.97 0.00
C GLN B 132 -2.37 -25.58 -1.36
N VAL B 133 -2.27 -24.72 -2.37
CA VAL B 133 -1.48 -25.05 -3.57
C VAL B 133 0.00 -25.10 -3.15
N ILE B 134 0.81 -25.79 -3.96
CA ILE B 134 2.25 -26.07 -3.74
C ILE B 134 2.80 -25.89 -2.30
N HIS B 135 2.96 -26.99 -1.55
CA HIS B 135 3.72 -26.98 -0.28
C HIS B 135 5.07 -26.37 -0.64
N GLN B 136 5.88 -26.02 0.39
CA GLN B 136 7.14 -25.26 0.20
C GLN B 136 6.94 -23.75 0.43
N SER B 137 7.83 -23.21 1.24
CA SER B 137 7.77 -21.79 1.57
C SER B 137 9.14 -21.36 2.11
N SER B 138 9.55 -20.18 1.73
CA SER B 138 10.85 -19.71 1.89
C SER B 138 10.94 -18.55 2.91
N PHE B 139 12.06 -18.44 3.59
CA PHE B 139 12.52 -17.27 4.31
C PHE B 139 13.43 -16.45 3.44
N TYR B 140 13.27 -15.13 3.51
CA TYR B 140 14.16 -14.27 2.78
C TYR B 140 14.97 -13.27 3.61
N LEU B 141 16.15 -13.04 3.21
CA LEU B 141 17.01 -12.03 3.81
C LEU B 141 17.10 -10.80 2.96
N VAL B 142 16.74 -9.70 3.58
CA VAL B 142 16.77 -8.34 2.96
C VAL B 142 17.79 -7.43 3.56
N GLY B 143 18.63 -6.81 2.71
CA GLY B 143 19.68 -5.91 3.16
C GLY B 143 19.22 -4.45 3.45
N PRO B 144 20.12 -3.60 3.91
CA PRO B 144 19.78 -2.26 4.41
C PRO B 144 19.34 -1.33 3.27
N ASP B 145 19.66 -1.74 2.07
CA ASP B 145 19.26 -1.21 0.77
C ASP B 145 17.82 -1.58 0.27
N GLY B 146 17.06 -2.45 0.95
CA GLY B 146 15.89 -3.01 0.35
C GLY B 146 16.07 -4.05 -0.76
N LYS B 147 17.26 -4.67 -0.84
CA LYS B 147 17.53 -5.68 -1.83
C LYS B 147 17.44 -7.03 -1.16
N VAL B 148 16.73 -7.97 -1.77
CA VAL B 148 16.67 -9.38 -1.28
C VAL B 148 17.94 -10.06 -1.71
N LEU B 149 18.65 -10.60 -0.72
CA LEU B 149 20.00 -11.12 -0.84
C LEU B 149 19.98 -12.67 -0.91
N LYS B 150 19.17 -13.31 -0.07
CA LYS B 150 19.21 -14.76 0.03
C LYS B 150 17.83 -15.23 0.32
N ASP B 151 17.55 -16.46 -0.10
CA ASP B 151 16.44 -17.25 0.36
C ASP B 151 16.86 -18.56 1.00
N TYR B 152 15.99 -19.09 1.86
CA TYR B 152 16.25 -20.36 2.57
C TYR B 152 14.97 -21.09 2.76
N ASN B 153 15.04 -22.40 3.01
CA ASN B 153 13.89 -23.18 3.17
C ASN B 153 13.26 -22.91 4.55
N GLY B 154 12.00 -22.56 4.62
CA GLY B 154 11.39 -22.29 5.92
C GLY B 154 10.63 -23.45 6.50
N VAL B 155 10.50 -24.49 5.70
CA VAL B 155 9.57 -25.55 5.91
C VAL B 155 10.31 -26.73 6.57
N GLU B 156 11.54 -26.87 6.18
CA GLU B 156 12.32 -28.05 6.66
C GLU B 156 13.80 -27.83 6.45
N ASN B 157 14.56 -28.26 7.46
CA ASN B 157 16.02 -28.14 7.46
C ASN B 157 16.53 -26.72 7.25
N THR B 158 15.81 -25.77 7.86
CA THR B 158 16.15 -24.35 7.82
C THR B 158 17.57 -24.22 8.28
N PRO B 159 18.46 -23.67 7.45
CA PRO B 159 19.88 -23.54 7.81
C PRO B 159 20.17 -22.37 8.72
N TYR B 160 19.84 -22.57 10.00
CA TYR B 160 19.82 -21.48 10.96
C TYR B 160 21.16 -20.81 11.06
N ASP B 161 22.24 -21.60 11.08
CA ASP B 161 23.55 -21.05 11.24
C ASP B 161 24.04 -20.26 10.01
N ASP B 162 23.70 -20.71 8.83
CA ASP B 162 23.98 -19.97 7.62
C ASP B 162 23.13 -18.65 7.60
N ILE B 163 21.90 -18.70 8.04
CA ILE B 163 21.03 -17.46 8.02
C ILE B 163 21.71 -16.48 8.94
N ILE B 164 22.12 -16.93 10.16
CA ILE B 164 22.75 -16.06 11.13
C ILE B 164 24.09 -15.40 10.65
N SER B 165 24.94 -16.18 10.02
CA SER B 165 26.15 -15.71 9.40
C SER B 165 25.89 -14.64 8.30
N ASP B 166 24.85 -14.90 7.52
CA ASP B 166 24.42 -14.05 6.39
C ASP B 166 23.82 -12.71 6.88
N VAL B 167 23.14 -12.72 8.01
CA VAL B 167 22.61 -11.50 8.64
C VAL B 167 23.76 -10.61 9.06
N LYS B 168 24.79 -11.22 9.69
CA LYS B 168 25.98 -10.48 10.11
C LYS B 168 26.72 -9.88 8.93
N SER B 169 26.87 -10.66 7.87
CA SER B 169 27.57 -10.18 6.69
C SER B 169 26.78 -9.02 6.01
N ALA B 170 25.47 -9.16 5.92
CA ALA B 170 24.57 -8.13 5.34
C ALA B 170 24.58 -6.85 6.16
N SER B 171 24.90 -6.96 7.45
CA SER B 171 25.05 -5.81 8.33
C SER B 171 26.32 -4.99 8.06
N THR B 172 27.29 -5.57 7.35
CA THR B 172 28.47 -4.86 6.84
C THR B 172 28.20 -3.66 5.96
N LEU B 173 26.97 -3.53 5.44
CA LEU B 173 26.65 -2.60 4.35
C LEU B 173 25.83 -1.30 4.48
N LYS B 174 26.20 -0.38 5.37
CA LYS B 174 25.60 0.98 5.34
C LYS B 174 26.70 2.00 5.17
#